data_1MEM
#
_entry.id   1MEM
#
_cell.length_a   40.820
_cell.length_b   50.040
_cell.length_c   105.920
_cell.angle_alpha   90.00
_cell.angle_beta   90.00
_cell.angle_gamma   90.00
#
_symmetry.space_group_name_H-M   'P 21 21 21'
#
loop_
_entity.id
_entity.type
_entity.pdbx_description
1 polymer 'Cathepsin K'
2 non-polymer N-{(1R)-3-phenyl-1-[2-(phenylsulfonyl)ethyl]propyl}-N~2~-(piperazin-1-ylcarbonyl)-L-leucinamide
3 water water
#
_entity_poly.entity_id   1
_entity_poly.type   'polypeptide(L)'
_entity_poly.pdbx_seq_one_letter_code
;APDSVDYRKKGYVTPVKNQGQCGSCWAFSSVGALEGQLKKKTGKLLNLSPQNLVDCVSENDGCGGGYMTNAFQYVQKNRG
IDSEDAYPYVGQEESCMYNPTGKAAKCRGYREIPEGNEKALKRAVARVGPVSVAIDASLTSFQFYSKGVYYDESCNSDNL
NHAVLAVGYGIQKGNKHWIIKNSWGENWGNKGYILMARNKNNACGIANLASFPKM
;
_entity_poly.pdbx_strand_id   A
#
loop_
_chem_comp.id
_chem_comp.type
_chem_comp.name
_chem_comp.formula
0D6 peptide-like N-{(1R)-3-phenyl-1-[2-(phenylsulfonyl)ethyl]propyl}-N~2~-(piperazin-1-ylcarbonyl)-L-leucinamide 'C28 H40 N4 O4 S'
#
# COMPACT_ATOMS: atom_id res chain seq x y z
N ALA A 1 -16.89 11.73 -8.02
CA ALA A 1 -15.75 11.89 -7.07
C ALA A 1 -15.10 13.26 -7.34
N PRO A 2 -14.41 13.82 -6.34
CA PRO A 2 -13.73 15.12 -6.48
C PRO A 2 -12.61 15.01 -7.52
N ASP A 3 -11.94 16.13 -7.79
CA ASP A 3 -10.84 16.13 -8.76
C ASP A 3 -9.47 15.94 -8.10
N SER A 4 -9.43 16.06 -6.78
CA SER A 4 -8.21 15.87 -6.01
C SER A 4 -8.57 15.39 -4.60
N VAL A 5 -7.86 14.38 -4.11
CA VAL A 5 -8.07 13.83 -2.77
C VAL A 5 -6.69 13.53 -2.21
N ASP A 6 -6.45 13.87 -0.96
CA ASP A 6 -5.16 13.61 -0.34
C ASP A 6 -5.40 13.18 1.11
N TYR A 7 -5.46 11.86 1.33
CA TYR A 7 -5.71 11.33 2.66
C TYR A 7 -4.68 11.69 3.71
N ARG A 8 -3.51 12.11 3.27
CA ARG A 8 -2.49 12.52 4.22
C ARG A 8 -3.05 13.73 4.97
N LYS A 9 -3.68 14.62 4.22
CA LYS A 9 -4.28 15.82 4.79
C LYS A 9 -5.44 15.48 5.72
N LYS A 10 -6.08 14.34 5.48
CA LYS A 10 -7.21 13.93 6.29
C LYS A 10 -6.86 13.03 7.47
N GLY A 11 -5.57 12.80 7.68
CA GLY A 11 -5.14 11.97 8.80
C GLY A 11 -5.36 10.47 8.67
N TYR A 12 -5.46 9.96 7.45
CA TYR A 12 -5.68 8.53 7.26
C TYR A 12 -4.39 7.79 6.98
N VAL A 13 -3.27 8.51 6.96
CA VAL A 13 -2.01 7.89 6.60
C VAL A 13 -0.97 8.03 7.72
N THR A 14 -0.34 6.92 8.06
CA THR A 14 0.67 6.90 9.09
C THR A 14 2.00 7.33 8.43
N PRO A 15 3.03 7.63 9.24
CA PRO A 15 4.33 8.04 8.69
C PRO A 15 4.90 6.97 7.78
N VAL A 16 5.78 7.41 6.88
CA VAL A 16 6.45 6.53 5.94
C VAL A 16 7.40 5.59 6.71
N LYS A 17 7.35 4.32 6.39
CA LYS A 17 8.18 3.30 7.03
C LYS A 17 9.24 2.81 6.06
N ASN A 18 10.17 2.00 6.56
CA ASN A 18 11.24 1.44 5.75
C ASN A 18 11.27 -0.07 5.95
N GLN A 19 11.13 -0.81 4.85
CA GLN A 19 11.15 -2.27 4.91
C GLN A 19 12.57 -2.81 5.16
N GLY A 20 13.58 -1.97 4.94
CA GLY A 20 14.93 -2.43 5.16
C GLY A 20 15.36 -3.39 4.06
N GLN A 21 16.14 -4.40 4.41
CA GLN A 21 16.66 -5.36 3.45
C GLN A 21 15.63 -6.42 3.06
N CYS A 22 14.59 -6.54 3.86
CA CYS A 22 13.54 -7.51 3.63
C CYS A 22 12.55 -7.01 2.56
N GLY A 23 12.34 -7.80 1.51
CA GLY A 23 11.43 -7.41 0.44
C GLY A 23 9.95 -7.56 0.79
N SER A 24 9.58 -7.02 1.94
CA SER A 24 8.21 -7.12 2.44
C SER A 24 7.27 -5.99 1.99
N CYS A 25 7.51 -5.42 0.82
CA CYS A 25 6.67 -4.32 0.33
C CYS A 25 5.17 -4.65 0.41
N TRP A 26 4.82 -5.90 0.14
CA TRP A 26 3.44 -6.37 0.18
C TRP A 26 2.83 -6.20 1.60
N ALA A 27 3.65 -6.42 2.64
CA ALA A 27 3.19 -6.28 4.02
C ALA A 27 2.91 -4.81 4.33
N PHE A 28 3.78 -3.91 3.88
CA PHE A 28 3.55 -2.49 4.13
C PHE A 28 2.36 -1.97 3.35
N SER A 29 2.23 -2.42 2.12
CA SER A 29 1.10 -2.01 1.32
C SER A 29 -0.18 -2.45 2.07
N SER A 30 -0.21 -3.70 2.53
CA SER A 30 -1.38 -4.23 3.26
C SER A 30 -1.72 -3.45 4.53
N VAL A 31 -0.73 -3.22 5.39
CA VAL A 31 -1.02 -2.50 6.63
C VAL A 31 -1.45 -1.08 6.35
N GLY A 32 -0.91 -0.45 5.32
CA GLY A 32 -1.29 0.90 5.00
C GLY A 32 -2.77 1.00 4.64
N ALA A 33 -3.28 0.01 3.93
CA ALA A 33 -4.68 0.00 3.52
C ALA A 33 -5.57 -0.25 4.74
N LEU A 34 -5.11 -1.15 5.61
CA LEU A 34 -5.81 -1.48 6.86
C LEU A 34 -5.82 -0.27 7.80
N GLU A 35 -4.72 0.46 7.89
CA GLU A 35 -4.66 1.65 8.72
C GLU A 35 -5.65 2.70 8.23
N GLY A 36 -5.84 2.81 6.92
CA GLY A 36 -6.78 3.79 6.42
C GLY A 36 -8.20 3.45 6.82
N GLN A 37 -8.56 2.18 6.68
CA GLN A 37 -9.89 1.70 7.04
C GLN A 37 -10.13 1.79 8.55
N LEU A 38 -9.10 1.51 9.34
CA LEU A 38 -9.20 1.59 10.79
C LEU A 38 -9.55 3.03 11.18
N LYS A 39 -8.78 3.97 10.65
CA LYS A 39 -9.00 5.40 10.89
C LYS A 39 -10.45 5.75 10.54
N LYS A 40 -10.89 5.33 9.36
CA LYS A 40 -12.25 5.60 8.92
C LYS A 40 -13.29 4.94 9.81
N LYS A 41 -12.96 3.79 10.39
CA LYS A 41 -13.95 3.12 11.23
C LYS A 41 -13.99 3.56 12.68
N THR A 42 -12.83 3.81 13.26
CA THR A 42 -12.75 4.17 14.67
C THR A 42 -12.31 5.59 14.96
N GLY A 43 -11.81 6.30 13.95
CA GLY A 43 -11.36 7.65 14.16
C GLY A 43 -9.98 7.70 14.77
N LYS A 44 -9.38 6.54 14.98
CA LYS A 44 -8.04 6.48 15.54
C LYS A 44 -7.04 6.04 14.45
N LEU A 45 -5.87 6.65 14.45
CA LEU A 45 -4.83 6.29 13.48
C LEU A 45 -3.72 5.61 14.26
N LEU A 46 -3.42 4.36 13.93
CA LEU A 46 -2.39 3.56 14.60
C LEU A 46 -1.47 2.89 13.59
N ASN A 47 -0.25 2.59 13.99
CA ASN A 47 0.67 1.84 13.13
C ASN A 47 0.33 0.33 13.33
N LEU A 48 -0.01 -0.37 12.25
CA LEU A 48 -0.31 -1.80 12.31
C LEU A 48 1.00 -2.52 12.00
N SER A 49 1.13 -3.78 12.37
CA SER A 49 2.40 -4.45 12.19
C SER A 49 2.68 -5.30 10.97
N PRO A 50 3.54 -4.81 10.05
CA PRO A 50 3.88 -5.59 8.86
C PRO A 50 4.53 -6.92 9.25
N GLN A 51 5.28 -6.94 10.34
CA GLN A 51 5.95 -8.17 10.76
C GLN A 51 4.98 -9.30 11.07
N ASN A 52 3.79 -8.93 11.59
CA ASN A 52 2.77 -9.91 11.91
C ASN A 52 2.41 -10.61 10.58
N LEU A 53 2.37 -9.82 9.51
CA LEU A 53 2.06 -10.33 8.19
C LEU A 53 3.21 -11.16 7.62
N VAL A 54 4.44 -10.66 7.64
CA VAL A 54 5.53 -11.46 7.08
C VAL A 54 5.74 -12.81 7.77
N ASP A 55 5.53 -12.87 9.07
CA ASP A 55 5.70 -14.11 9.81
C ASP A 55 4.55 -15.08 9.71
N CYS A 56 3.34 -14.55 9.66
CA CYS A 56 2.14 -15.38 9.68
C CYS A 56 1.38 -15.71 8.41
N VAL A 57 1.61 -14.99 7.32
CA VAL A 57 0.88 -15.33 6.10
C VAL A 57 1.64 -16.42 5.34
N SER A 58 1.29 -17.67 5.64
CA SER A 58 1.93 -18.84 5.03
C SER A 58 1.76 -18.93 3.53
N GLU A 59 0.68 -18.36 3.01
CA GLU A 59 0.46 -18.40 1.58
C GLU A 59 1.45 -17.47 0.85
N ASN A 60 2.08 -16.57 1.60
CA ASN A 60 3.06 -15.64 1.07
C ASN A 60 4.48 -16.13 1.36
N ASP A 61 5.49 -15.43 0.83
CA ASP A 61 6.90 -15.79 1.00
C ASP A 61 7.77 -14.91 1.86
N GLY A 62 7.19 -14.28 2.87
CA GLY A 62 7.96 -13.43 3.75
C GLY A 62 8.71 -12.35 3.00
N CYS A 63 10.03 -12.32 3.18
CA CYS A 63 10.87 -11.33 2.52
C CYS A 63 11.09 -11.63 1.05
N GLY A 64 10.66 -12.81 0.60
CA GLY A 64 10.78 -13.20 -0.80
C GLY A 64 9.55 -12.84 -1.65
N GLY A 65 8.65 -12.04 -1.09
CA GLY A 65 7.47 -11.61 -1.83
C GLY A 65 6.14 -12.17 -1.39
N GLY A 66 5.08 -11.57 -1.93
CA GLY A 66 3.73 -12.01 -1.60
C GLY A 66 2.68 -11.09 -2.20
N TYR A 67 1.42 -11.32 -1.82
CA TYR A 67 0.30 -10.52 -2.31
C TYR A 67 -0.52 -9.94 -1.18
N MET A 68 -1.15 -8.80 -1.46
CA MET A 68 -1.95 -8.12 -0.47
C MET A 68 -3.24 -8.88 -0.17
N THR A 69 -3.83 -9.50 -1.18
CA THR A 69 -5.07 -10.25 -0.96
C THR A 69 -4.87 -11.40 0.06
N ASN A 70 -3.75 -12.11 -0.01
CA ASN A 70 -3.49 -13.18 0.93
C ASN A 70 -3.37 -12.63 2.34
N ALA A 71 -2.79 -11.43 2.46
CA ALA A 71 -2.60 -10.79 3.75
C ALA A 71 -3.95 -10.43 4.36
N PHE A 72 -4.84 -9.86 3.55
CA PHE A 72 -6.18 -9.46 4.00
C PHE A 72 -6.93 -10.71 4.50
N GLN A 73 -6.85 -11.79 3.71
CA GLN A 73 -7.48 -13.07 4.07
C GLN A 73 -6.99 -13.58 5.42
N TYR A 74 -5.68 -13.55 5.62
CA TYR A 74 -5.09 -13.97 6.89
C TYR A 74 -5.65 -13.10 8.04
N VAL A 75 -5.72 -11.79 7.84
CA VAL A 75 -6.24 -10.94 8.90
C VAL A 75 -7.71 -11.32 9.21
N GLN A 76 -8.49 -11.62 8.17
CA GLN A 76 -9.88 -12.00 8.38
C GLN A 76 -10.02 -13.35 9.09
N LYS A 77 -9.21 -14.33 8.67
CA LYS A 77 -9.28 -15.64 9.30
C LYS A 77 -8.70 -15.61 10.71
N ASN A 78 -7.69 -14.78 10.92
CA ASN A 78 -7.06 -14.67 12.23
C ASN A 78 -7.90 -13.82 13.16
N ARG A 79 -8.85 -13.08 12.59
CA ARG A 79 -9.73 -12.18 13.34
C ARG A 79 -8.94 -11.10 14.02
N GLY A 80 -7.88 -10.65 13.36
CA GLY A 80 -7.09 -9.59 13.94
C GLY A 80 -5.66 -9.50 13.46
N ILE A 81 -5.09 -8.33 13.68
CA ILE A 81 -3.70 -8.05 13.35
C ILE A 81 -3.21 -7.17 14.50
N ASP A 82 -1.97 -7.37 14.91
CA ASP A 82 -1.42 -6.58 16.00
C ASP A 82 -1.00 -5.19 15.57
N SER A 83 -0.81 -4.35 16.61
CA SER A 83 -0.31 -3.01 16.43
C SER A 83 1.19 -3.25 16.25
N GLU A 84 1.88 -2.24 15.72
CA GLU A 84 3.33 -2.32 15.51
C GLU A 84 3.99 -2.57 16.88
N ASP A 85 3.53 -1.84 17.91
CA ASP A 85 4.07 -1.98 19.26
C ASP A 85 4.04 -3.39 19.80
N ALA A 86 2.96 -4.11 19.50
CA ALA A 86 2.76 -5.46 19.96
C ALA A 86 3.45 -6.52 19.11
N TYR A 87 3.97 -6.12 17.95
CA TYR A 87 4.64 -7.08 17.07
C TYR A 87 5.64 -6.26 16.21
N PRO A 88 6.69 -5.74 16.83
CA PRO A 88 7.70 -4.92 16.13
C PRO A 88 8.35 -5.49 14.88
N TYR A 89 8.56 -4.61 13.90
CA TYR A 89 9.16 -4.98 12.64
C TYR A 89 10.65 -5.21 12.83
N VAL A 90 11.10 -6.41 12.45
CA VAL A 90 12.50 -6.77 12.56
C VAL A 90 13.23 -6.83 11.19
N GLY A 91 12.49 -7.07 10.11
CA GLY A 91 13.13 -7.12 8.81
C GLY A 91 13.71 -8.47 8.45
N GLN A 92 13.07 -9.52 8.96
CA GLN A 92 13.45 -10.89 8.65
C GLN A 92 12.35 -11.80 9.11
N GLU A 93 12.02 -12.80 8.29
CA GLU A 93 10.96 -13.76 8.61
C GLU A 93 11.30 -14.63 9.82
N GLU A 94 10.37 -14.72 10.76
CA GLU A 94 10.54 -15.53 11.97
C GLU A 94 9.24 -16.32 12.11
N SER A 95 9.18 -17.24 13.06
CA SER A 95 7.97 -18.04 13.29
C SER A 95 6.76 -17.16 13.66
N CYS A 96 5.56 -17.57 13.29
CA CYS A 96 4.39 -16.77 13.61
C CYS A 96 4.16 -16.69 15.11
N MET A 97 4.16 -15.47 15.65
CA MET A 97 4.00 -15.27 17.08
C MET A 97 2.95 -14.20 17.33
N TYR A 98 1.78 -14.37 16.73
CA TYR A 98 0.72 -13.38 16.89
C TYR A 98 0.34 -13.29 18.39
N ASN A 99 0.16 -12.06 18.86
CA ASN A 99 -0.20 -11.82 20.25
C ASN A 99 -1.65 -11.29 20.28
N PRO A 100 -2.64 -12.18 20.53
CA PRO A 100 -4.04 -11.76 20.56
C PRO A 100 -4.33 -10.57 21.46
N THR A 101 -3.46 -10.37 22.43
CA THR A 101 -3.64 -9.28 23.38
C THR A 101 -3.26 -7.91 22.81
N GLY A 102 -2.42 -7.89 21.77
CA GLY A 102 -2.02 -6.62 21.17
C GLY A 102 -2.82 -6.31 19.93
N LYS A 103 -3.89 -7.05 19.67
CA LYS A 103 -4.73 -6.85 18.51
C LYS A 103 -5.20 -5.40 18.39
N ALA A 104 -5.09 -4.82 17.20
CA ALA A 104 -5.49 -3.44 17.02
C ALA A 104 -6.54 -3.22 15.99
N ALA A 105 -6.72 -4.20 15.12
CA ALA A 105 -7.69 -4.10 14.05
C ALA A 105 -8.05 -5.48 13.58
N LYS A 106 -8.97 -5.55 12.66
CA LYS A 106 -9.44 -6.81 12.13
C LYS A 106 -9.81 -6.56 10.69
N CYS A 107 -10.20 -7.60 9.99
CA CYS A 107 -10.57 -7.46 8.60
C CYS A 107 -11.73 -8.40 8.29
N ARG A 108 -12.68 -7.95 7.48
CA ARG A 108 -13.83 -8.77 7.12
C ARG A 108 -13.99 -8.94 5.61
N GLY A 109 -12.88 -9.13 4.91
CA GLY A 109 -12.91 -9.30 3.46
C GLY A 109 -12.11 -8.25 2.74
N TYR A 110 -12.15 -8.28 1.42
CA TYR A 110 -11.45 -7.31 0.59
C TYR A 110 -12.11 -7.28 -0.78
N ARG A 111 -11.92 -6.21 -1.51
CA ARG A 111 -12.47 -6.10 -2.84
C ARG A 111 -11.29 -5.77 -3.76
N GLU A 112 -11.39 -6.23 -5.00
CA GLU A 112 -10.36 -6.00 -6.00
C GLU A 112 -10.92 -5.06 -7.07
N ILE A 113 -10.09 -4.15 -7.53
CA ILE A 113 -10.53 -3.20 -8.57
C ILE A 113 -10.42 -3.89 -9.91
N PRO A 114 -11.37 -3.64 -10.83
CA PRO A 114 -11.34 -4.24 -12.16
C PRO A 114 -9.96 -3.99 -12.79
N GLU A 115 -9.32 -5.07 -13.23
CA GLU A 115 -7.98 -5.07 -13.82
C GLU A 115 -7.78 -4.05 -14.92
N GLY A 116 -6.87 -3.10 -14.66
CA GLY A 116 -6.53 -2.07 -15.62
C GLY A 116 -7.46 -0.87 -15.73
N ASN A 117 -8.52 -0.85 -14.95
CA ASN A 117 -9.47 0.27 -15.00
C ASN A 117 -9.06 1.38 -14.02
N GLU A 118 -8.42 2.42 -14.54
CA GLU A 118 -7.98 3.51 -13.70
C GLU A 118 -9.13 4.36 -13.19
N LYS A 119 -10.22 4.46 -13.96
CA LYS A 119 -11.38 5.27 -13.54
C LYS A 119 -11.98 4.63 -12.28
N ALA A 120 -12.08 3.31 -12.29
CA ALA A 120 -12.61 2.61 -11.15
C ALA A 120 -11.65 2.74 -9.96
N LEU A 121 -10.34 2.78 -10.21
CA LEU A 121 -9.40 2.92 -9.10
C LEU A 121 -9.58 4.29 -8.47
N LYS A 122 -9.84 5.30 -9.29
CA LYS A 122 -10.05 6.66 -8.79
C LYS A 122 -11.27 6.66 -7.85
N ARG A 123 -12.39 6.13 -8.34
CA ARG A 123 -13.62 6.07 -7.55
C ARG A 123 -13.39 5.40 -6.22
N ALA A 124 -12.65 4.28 -6.26
CA ALA A 124 -12.34 3.54 -5.06
C ALA A 124 -11.57 4.42 -4.09
N VAL A 125 -10.52 5.10 -4.55
CA VAL A 125 -9.73 5.95 -3.66
C VAL A 125 -10.62 7.03 -3.03
N ALA A 126 -11.49 7.60 -3.85
CA ALA A 126 -12.39 8.64 -3.40
C ALA A 126 -13.39 8.16 -2.36
N ARG A 127 -13.95 6.97 -2.59
CA ARG A 127 -14.96 6.43 -1.70
C ARG A 127 -14.49 5.66 -0.47
N VAL A 128 -13.52 4.78 -0.64
CA VAL A 128 -13.09 3.98 0.50
C VAL A 128 -11.87 4.54 1.23
N GLY A 129 -10.89 5.02 0.48
CA GLY A 129 -9.70 5.56 1.11
C GLY A 129 -8.47 4.97 0.46
N PRO A 130 -7.31 5.03 1.13
CA PRO A 130 -6.06 4.48 0.58
C PRO A 130 -6.25 3.05 0.04
N VAL A 131 -5.77 2.81 -1.18
CA VAL A 131 -5.89 1.51 -1.85
C VAL A 131 -4.50 0.89 -2.12
N SER A 132 -4.38 -0.42 -1.87
CA SER A 132 -3.11 -1.13 -2.09
C SER A 132 -2.97 -1.34 -3.58
N VAL A 133 -1.79 -1.06 -4.13
CA VAL A 133 -1.60 -1.24 -5.56
C VAL A 133 -0.25 -1.88 -5.87
N ALA A 134 -0.17 -2.51 -7.04
CA ALA A 134 1.06 -3.16 -7.49
C ALA A 134 1.53 -2.43 -8.74
N ILE A 135 2.84 -2.27 -8.88
CA ILE A 135 3.42 -1.59 -10.03
C ILE A 135 4.73 -2.21 -10.46
N ASP A 136 5.22 -1.72 -11.59
CA ASP A 136 6.53 -2.12 -12.05
C ASP A 136 7.42 -0.99 -11.52
N ALA A 137 8.28 -1.30 -10.56
CA ALA A 137 9.18 -0.30 -9.98
C ALA A 137 10.62 -0.73 -10.24
N SER A 138 10.85 -1.46 -11.32
CA SER A 138 12.19 -1.96 -11.60
C SER A 138 13.14 -0.98 -12.29
N LEU A 139 12.58 0.07 -12.88
CA LEU A 139 13.42 1.02 -13.61
C LEU A 139 14.26 1.91 -12.73
N THR A 140 15.47 2.19 -13.20
CA THR A 140 16.42 3.05 -12.51
C THR A 140 15.79 4.42 -12.22
N SER A 141 14.95 4.89 -13.15
CA SER A 141 14.28 6.17 -13.00
C SER A 141 13.30 6.17 -11.82
N PHE A 142 12.82 5.00 -11.43
CA PHE A 142 11.91 4.94 -10.29
C PHE A 142 12.76 5.03 -9.03
N GLN A 143 13.85 4.25 -9.01
CA GLN A 143 14.78 4.26 -7.88
C GLN A 143 15.29 5.66 -7.61
N PHE A 144 15.63 6.38 -8.67
CA PHE A 144 16.14 7.74 -8.53
C PHE A 144 15.12 8.83 -8.73
N TYR A 145 13.86 8.56 -8.42
CA TYR A 145 12.84 9.59 -8.57
C TYR A 145 13.12 10.76 -7.66
N SER A 146 12.75 11.92 -8.16
CA SER A 146 12.87 13.19 -7.45
C SER A 146 12.19 14.16 -8.37
N LYS A 147 11.26 14.93 -7.83
CA LYS A 147 10.55 15.94 -8.62
C LYS A 147 9.59 15.42 -9.68
N GLY A 148 8.43 16.07 -9.71
CA GLY A 148 7.40 15.82 -10.69
C GLY A 148 6.55 14.58 -10.66
N VAL A 149 5.86 14.39 -11.77
CA VAL A 149 4.99 13.26 -11.96
C VAL A 149 5.74 12.20 -12.76
N TYR A 150 6.06 11.12 -12.07
CA TYR A 150 6.78 10.02 -12.69
C TYR A 150 6.07 9.34 -13.86
N TYR A 151 6.76 9.31 -15.00
CA TYR A 151 6.31 8.68 -16.22
C TYR A 151 7.54 8.25 -17.01
N ASP A 152 7.56 6.99 -17.41
CA ASP A 152 8.69 6.44 -18.14
C ASP A 152 8.11 5.42 -19.10
N GLU A 153 8.38 5.59 -20.40
CA GLU A 153 7.85 4.70 -21.42
C GLU A 153 8.32 3.26 -21.35
N SER A 154 9.38 3.01 -20.58
CA SER A 154 9.90 1.67 -20.42
C SER A 154 9.10 0.90 -19.38
N CYS A 155 8.31 1.60 -18.59
CA CYS A 155 7.52 0.92 -17.57
C CYS A 155 6.65 -0.17 -18.17
N ASN A 156 6.73 -1.36 -17.61
CA ASN A 156 5.94 -2.49 -18.11
C ASN A 156 4.79 -2.86 -17.19
N SER A 157 3.57 -2.71 -17.67
CA SER A 157 2.35 -3.00 -16.91
C SER A 157 2.08 -4.50 -16.66
N ASP A 158 2.82 -5.37 -17.32
CA ASP A 158 2.68 -6.82 -17.10
C ASP A 158 3.80 -7.29 -16.20
N ASN A 159 4.70 -6.38 -15.82
CA ASN A 159 5.81 -6.75 -14.97
C ASN A 159 5.69 -6.05 -13.59
N LEU A 160 4.71 -6.49 -12.81
CA LEU A 160 4.47 -5.93 -11.47
C LEU A 160 5.40 -6.61 -10.51
N ASN A 161 6.18 -5.83 -9.76
CA ASN A 161 7.14 -6.38 -8.81
C ASN A 161 7.16 -5.66 -7.47
N HIS A 162 6.42 -4.58 -7.35
CA HIS A 162 6.43 -3.80 -6.14
C HIS A 162 5.00 -3.51 -5.70
N ALA A 163 4.80 -3.42 -4.38
CA ALA A 163 3.49 -3.16 -3.79
C ALA A 163 3.56 -1.87 -3.00
N VAL A 164 2.69 -0.92 -3.34
CA VAL A 164 2.65 0.37 -2.67
C VAL A 164 1.24 0.80 -2.25
N LEU A 165 1.08 2.04 -1.81
CA LEU A 165 -0.23 2.52 -1.35
C LEU A 165 -0.67 3.83 -2.06
N ALA A 166 -1.81 3.80 -2.72
CA ALA A 166 -2.33 4.96 -3.40
C ALA A 166 -3.08 5.75 -2.34
N VAL A 167 -2.52 6.87 -1.90
CA VAL A 167 -3.18 7.68 -0.87
C VAL A 167 -3.96 8.92 -1.39
N GLY A 168 -4.13 9.01 -2.71
CA GLY A 168 -4.86 10.12 -3.29
C GLY A 168 -4.56 10.28 -4.77
N TYR A 169 -5.09 11.35 -5.36
CA TYR A 169 -4.86 11.65 -6.76
C TYR A 169 -5.10 13.15 -6.95
N GLY A 170 -4.54 13.69 -8.03
CA GLY A 170 -4.70 15.10 -8.35
C GLY A 170 -4.08 15.44 -9.69
N ILE A 171 -3.72 16.71 -9.86
CA ILE A 171 -3.12 17.21 -11.10
C ILE A 171 -2.01 18.19 -10.71
N GLN A 172 -0.80 17.97 -11.21
CA GLN A 172 0.32 18.86 -10.92
C GLN A 172 0.75 19.57 -12.21
N LYS A 173 0.44 20.86 -12.28
CA LYS A 173 0.78 21.71 -13.41
C LYS A 173 0.33 21.05 -14.71
N GLY A 174 -0.94 20.65 -14.72
CA GLY A 174 -1.52 20.00 -15.88
C GLY A 174 -1.32 18.50 -15.93
N ASN A 175 -0.53 17.95 -15.02
CA ASN A 175 -0.33 16.50 -15.06
C ASN A 175 -1.08 15.75 -13.98
N LYS A 176 -1.98 14.87 -14.43
CA LYS A 176 -2.77 14.04 -13.53
C LYS A 176 -1.84 12.98 -12.95
N HIS A 177 -2.01 12.73 -11.66
CA HIS A 177 -1.15 11.76 -11.00
C HIS A 177 -1.89 11.02 -9.90
N TRP A 178 -1.20 10.04 -9.34
CA TRP A 178 -1.64 9.22 -8.22
C TRP A 178 -0.62 9.55 -7.14
N ILE A 179 -1.07 9.84 -5.92
CA ILE A 179 -0.13 10.10 -4.83
C ILE A 179 0.15 8.71 -4.23
N ILE A 180 1.41 8.32 -4.28
CA ILE A 180 1.84 7.00 -3.84
C ILE A 180 2.75 7.02 -2.62
N LYS A 181 2.40 6.22 -1.61
CA LYS A 181 3.22 6.06 -0.41
C LYS A 181 4.10 4.84 -0.63
N ASN A 182 5.42 5.02 -0.56
CA ASN A 182 6.36 3.91 -0.72
C ASN A 182 6.79 3.48 0.70
N SER A 183 7.60 2.42 0.79
CA SER A 183 8.06 1.91 2.08
C SER A 183 9.59 1.73 2.09
N TRP A 184 10.27 2.71 1.53
CA TRP A 184 11.73 2.71 1.46
C TRP A 184 12.30 3.83 2.30
N GLY A 185 11.56 4.31 3.29
CA GLY A 185 12.07 5.38 4.13
C GLY A 185 11.69 6.77 3.67
N GLU A 186 11.83 7.74 4.57
CA GLU A 186 11.51 9.12 4.28
C GLU A 186 12.59 9.73 3.37
N ASN A 187 13.77 9.14 3.43
CA ASN A 187 14.92 9.56 2.63
C ASN A 187 14.77 9.32 1.11
N TRP A 188 13.81 8.50 0.70
CA TRP A 188 13.62 8.22 -0.71
C TRP A 188 12.52 9.09 -1.33
N GLY A 189 12.65 9.37 -2.63
CA GLY A 189 11.66 10.14 -3.36
C GLY A 189 11.38 11.46 -2.70
N ASN A 190 10.12 11.89 -2.65
CA ASN A 190 9.78 13.15 -2.00
C ASN A 190 9.26 12.84 -0.59
N LYS A 191 10.19 12.72 0.35
CA LYS A 191 9.86 12.39 1.73
C LYS A 191 9.16 11.02 1.83
N GLY A 192 9.59 10.08 0.99
CA GLY A 192 9.03 8.74 0.98
C GLY A 192 7.85 8.53 0.03
N TYR A 193 7.48 9.59 -0.67
CA TYR A 193 6.36 9.56 -1.59
C TYR A 193 6.78 9.76 -3.06
N ILE A 194 5.91 9.35 -3.97
CA ILE A 194 6.16 9.53 -5.40
C ILE A 194 4.82 9.83 -6.09
N LEU A 195 4.81 10.74 -7.07
CA LEU A 195 3.61 11.05 -7.82
C LEU A 195 3.73 10.30 -9.13
N MET A 196 2.74 9.47 -9.44
CA MET A 196 2.78 8.68 -10.67
C MET A 196 1.69 9.09 -11.63
N ALA A 197 2.04 9.13 -12.92
CA ALA A 197 1.12 9.53 -13.99
C ALA A 197 -0.21 8.79 -13.97
N ARG A 198 -1.29 9.56 -13.95
CA ARG A 198 -2.63 9.01 -13.92
C ARG A 198 -3.26 9.24 -15.29
N ASN A 199 -4.00 8.24 -15.74
CA ASN A 199 -4.64 8.25 -17.04
C ASN A 199 -3.66 8.25 -18.22
N LYS A 200 -2.43 7.80 -17.99
CA LYS A 200 -1.47 7.72 -19.10
C LYS A 200 -1.43 6.23 -19.48
N ASN A 201 -2.61 5.69 -19.79
CA ASN A 201 -2.72 4.30 -20.20
C ASN A 201 -2.22 3.27 -19.19
N ASN A 202 -2.69 3.36 -17.95
CA ASN A 202 -2.32 2.40 -16.90
C ASN A 202 -0.80 2.31 -16.77
N ALA A 203 -0.15 3.46 -16.62
CA ALA A 203 1.30 3.52 -16.50
C ALA A 203 1.87 2.64 -15.40
N CYS A 204 2.83 1.79 -15.75
CA CYS A 204 3.47 0.90 -14.80
C CYS A 204 2.52 -0.14 -14.22
N GLY A 205 1.35 -0.27 -14.84
CA GLY A 205 0.35 -1.24 -14.41
C GLY A 205 -0.31 -0.95 -13.08
N ILE A 206 -0.40 0.33 -12.72
CA ILE A 206 -0.98 0.78 -11.45
C ILE A 206 -2.42 0.28 -11.10
N ALA A 207 -3.25 0.06 -12.12
CA ALA A 207 -4.61 -0.43 -11.88
C ALA A 207 -4.80 -1.90 -12.24
N ASN A 208 -3.71 -2.65 -12.33
CA ASN A 208 -3.77 -4.07 -12.66
C ASN A 208 -3.93 -5.02 -11.51
N LEU A 209 -3.55 -4.61 -10.31
CA LEU A 209 -3.66 -5.48 -9.15
C LEU A 209 -3.93 -4.63 -7.90
N ALA A 210 -5.04 -3.91 -7.94
CA ALA A 210 -5.47 -3.03 -6.86
C ALA A 210 -6.56 -3.69 -5.96
N SER A 211 -6.45 -3.48 -4.66
CA SER A 211 -7.39 -4.05 -3.70
C SER A 211 -7.44 -3.26 -2.39
N PHE A 212 -8.53 -3.44 -1.65
CA PHE A 212 -8.67 -2.77 -0.38
C PHE A 212 -9.46 -3.71 0.54
N PRO A 213 -9.18 -3.64 1.85
CA PRO A 213 -9.92 -4.53 2.76
C PRO A 213 -11.22 -3.90 3.21
N LYS A 214 -12.10 -4.76 3.72
CA LYS A 214 -13.40 -4.36 4.28
C LYS A 214 -13.27 -4.51 5.81
N MET A 215 -13.88 -3.60 6.53
CA MET A 215 -13.86 -3.65 7.98
C MET A 215 -15.29 -3.61 8.50
N1 0D6 B . 6.01 -12.27 -5.30
C1 0D6 B . 6.26 -10.97 -5.24
O1 0D6 B . 7.39 -10.56 -5.50
C2 0D6 B . 7.08 -13.28 -5.60
C3 0D6 B . 6.96 -14.52 -4.81
N4 0D6 B . 5.62 -15.08 -4.96
C5 0D6 B . 4.57 -14.17 -4.52
C6 0D6 B . 4.63 -12.85 -5.25
N 0D6 B . 5.28 -10.10 -5.03
CA 0D6 B . 5.56 -8.68 -4.96
C 0D6 B . 6.48 -8.43 -3.80
O 0D6 B . 6.25 -8.95 -2.70
CB 0D6 B . 4.29 -7.86 -4.75
CG 0D6 B . 3.42 -7.41 -5.93
CD1 0D6 B . 3.90 -7.91 -7.28
CD2 0D6 B . 2.02 -7.80 -5.64
C11 0D6 B . 9.17 -5.08 -3.85
C21 0D6 B . 8.56 -5.91 -2.70
C31 0D6 B . 8.55 -7.43 -3.02
N2 0D6 B . 7.59 -7.75 -4.05
C4 0D6 B . 9.92 -7.99 -3.39
C51 0D6 B . 9.94 -9.51 -3.41
C1' 0D6 B . 11.28 -10.07 -3.86
C2' 0D6 B . 11.42 -10.58 -5.17
C3' 0D6 B . 12.68 -11.00 -5.62
C4' 0D6 B . 13.80 -10.91 -4.76
C5' 0D6 B . 13.66 -10.41 -3.47
C6' 0D6 B . 12.41 -9.99 -3.02
C12 0D6 B . 12.89 -2.73 -6.96
C22 0D6 B . 13.60 -2.93 -5.78
C32 0D6 B . 13.00 -3.56 -4.68
C41 0D6 B . 11.65 -4.02 -4.75
S1 0D6 B . 10.73 -4.34 -3.26
O11 0D6 B . 10.69 -3.00 -2.47
O2 0D6 B . 11.61 -5.37 -2.51
C52 0D6 B . 10.96 -3.80 -5.97
C61 0D6 B . 11.57 -3.15 -7.05
H 0D6 B . 4.54 -10.38 -4.45
HN2 0D6 B . 7.90 -7.65 -4.99
#